data_7KPY
#
_entry.id   7KPY
#
_cell.length_a   89.880
_cell.length_b   34.680
_cell.length_c   90.740
_cell.angle_alpha   90.000
_cell.angle_beta   116.246
_cell.angle_gamma   90.000
#
_symmetry.space_group_name_H-M   'C 1 2 1'
#
loop_
_entity.id
_entity.type
_entity.pdbx_description
1 polymer 'Histone acetyltransferase'
2 non-polymer 1,2-ETHANEDIOL
3 non-polymer 2-[2-(3-chloranyl-4-methoxy-phenyl)ethyl]-~{N}-cyclohexyl-7-(3,5-dimethyl-1,2-oxazol-4-yl)imidazo[1,2-a]pyridin-3-amine
4 water water
#
_entity_poly.entity_id   1
_entity_poly.type   'polypeptide(L)'
_entity_poly.pdbx_seq_one_letter_code
;KKIFKPEELRQALMPTLEALYRQDPESLPFRQPVDPQLLGIPDYFDIVKNPMDLSTIKRKLDTGQYQEPWQYVDDVWLMF
NNAWLYNRKTSRVYKFCSKLAEVFEQEIDPVMQSLG
;
_entity_poly.pdbx_strand_id   A,B
#
loop_
_chem_comp.id
_chem_comp.type
_chem_comp.name
_chem_comp.formula
EDO non-polymer 1,2-ETHANEDIOL 'C2 H6 O2'
WU1 non-polymer 2-[2-(3-chloranyl-4-methoxy-phenyl)ethyl]-~{N}-cyclohexyl-7-(3,5-dimethyl-1,2-oxazol-4-yl)imidazo[1,2-a]pyridin-3-amine 'C27 H31 Cl N4 O2'
#
# COMPACT_ATOMS: atom_id res chain seq x y z
N LYS A 2 24.33 9.43 0.20
CA LYS A 2 23.16 9.51 1.06
C LYS A 2 23.08 8.29 1.97
N ILE A 3 23.06 8.54 3.28
CA ILE A 3 22.90 7.48 4.28
C ILE A 3 21.42 7.15 4.41
N PHE A 4 21.14 5.85 4.60
CA PHE A 4 19.79 5.36 4.90
C PHE A 4 19.85 4.56 6.19
N LYS A 5 18.91 4.83 7.12
CA LYS A 5 18.87 4.08 8.37
C LYS A 5 18.11 2.76 8.16
N PRO A 6 18.48 1.71 8.89
CA PRO A 6 17.77 0.43 8.70
C PRO A 6 16.28 0.54 8.89
N GLU A 7 15.84 1.28 9.92
CA GLU A 7 14.41 1.38 10.18
C GLU A 7 13.73 2.26 9.15
N GLU A 8 14.44 3.24 8.61
CA GLU A 8 13.89 4.02 7.51
C GLU A 8 13.66 3.14 6.29
N LEU A 9 14.62 2.26 5.98
CA LEU A 9 14.43 1.34 4.87
C LEU A 9 13.31 0.36 5.15
N ARG A 10 13.23 -0.15 6.38
N ARG A 10 13.23 -0.15 6.38
CA ARG A 10 12.14 -1.06 6.71
CA ARG A 10 12.15 -1.06 6.74
C ARG A 10 10.78 -0.39 6.55
C ARG A 10 10.78 -0.39 6.57
N GLN A 11 10.63 0.82 7.11
CA GLN A 11 9.34 1.50 7.06
C GLN A 11 8.93 1.80 5.62
N ALA A 12 9.90 2.10 4.77
CA ALA A 12 9.58 2.48 3.38
C ALA A 12 9.36 1.25 2.52
N LEU A 13 10.21 0.25 2.67
CA LEU A 13 10.23 -0.84 1.70
C LEU A 13 9.43 -2.05 2.13
N MET A 14 9.25 -2.33 3.42
CA MET A 14 8.47 -3.51 3.77
C MET A 14 7.02 -3.46 3.28
N PRO A 15 6.34 -2.32 3.19
CA PRO A 15 5.01 -2.33 2.57
C PRO A 15 5.04 -2.82 1.13
N THR A 16 6.11 -2.55 0.39
CA THR A 16 6.16 -3.07 -0.98
C THR A 16 6.35 -4.58 -1.00
N LEU A 17 7.09 -5.13 -0.04
CA LEU A 17 7.20 -6.58 0.08
C LEU A 17 5.87 -7.20 0.53
N GLU A 18 5.16 -6.53 1.44
CA GLU A 18 3.85 -7.04 1.86
C GLU A 18 2.88 -7.10 0.69
N ALA A 19 2.95 -6.11 -0.21
CA ALA A 19 2.09 -6.12 -1.38
C ALA A 19 2.30 -7.38 -2.22
N LEU A 20 3.53 -7.90 -2.23
CA LEU A 20 3.83 -9.12 -2.97
C LEU A 20 3.29 -10.35 -2.24
N TYR A 21 3.47 -10.42 -0.92
CA TYR A 21 2.86 -11.49 -0.13
C TYR A 21 1.34 -11.51 -0.29
N ARG A 22 0.74 -10.35 -0.51
CA ARG A 22 -0.71 -10.30 -0.61
C ARG A 22 -1.22 -10.92 -1.90
N GLN A 23 -0.36 -11.14 -2.89
CA GLN A 23 -0.80 -11.75 -4.14
C GLN A 23 -0.98 -13.25 -3.93
N ASP A 24 -2.19 -13.73 -4.17
CA ASP A 24 -2.59 -15.09 -3.92
C ASP A 24 -3.43 -15.47 -5.15
N PRO A 25 -3.04 -16.50 -5.91
CA PRO A 25 -1.99 -17.50 -5.68
C PRO A 25 -0.56 -17.12 -6.05
N GLU A 26 -0.35 -15.95 -6.68
CA GLU A 26 0.93 -15.73 -7.37
C GLU A 26 2.15 -15.75 -6.43
N SER A 27 2.00 -15.34 -5.18
CA SER A 27 3.18 -15.30 -4.32
C SER A 27 3.50 -16.63 -3.64
N LEU A 28 2.58 -17.59 -3.65
CA LEU A 28 2.75 -18.81 -2.85
C LEU A 28 4.07 -19.55 -3.12
N PRO A 29 4.51 -19.77 -4.36
CA PRO A 29 5.79 -20.46 -4.58
C PRO A 29 7.01 -19.66 -4.19
N PHE A 30 6.85 -18.38 -3.82
CA PHE A 30 7.96 -17.48 -3.58
C PHE A 30 8.14 -17.16 -2.11
N ARG A 31 7.26 -17.66 -1.24
CA ARG A 31 7.31 -17.24 0.15
C ARG A 31 8.41 -17.94 0.93
N GLN A 32 8.99 -19.00 0.40
N GLN A 32 9.04 -18.94 0.34
CA GLN A 32 10.10 -19.71 1.02
CA GLN A 32 10.09 -19.72 0.99
C GLN A 32 11.08 -20.12 -0.07
C GLN A 32 11.09 -20.10 -0.08
N PRO A 33 12.35 -20.38 0.29
CA PRO A 33 13.35 -20.71 -0.74
C PRO A 33 12.96 -21.93 -1.56
N VAL A 34 13.37 -21.92 -2.83
CA VAL A 34 13.24 -23.12 -3.64
C VAL A 34 14.04 -24.24 -3.00
N ASP A 35 13.41 -25.40 -2.83
CA ASP A 35 14.03 -26.53 -2.14
C ASP A 35 14.25 -27.66 -3.14
N PRO A 36 15.39 -27.70 -3.84
CA PRO A 36 15.54 -28.69 -4.92
C PRO A 36 15.44 -30.13 -4.46
N GLN A 37 15.99 -30.45 -3.29
CA GLN A 37 15.86 -31.80 -2.74
C GLN A 37 14.38 -32.20 -2.64
N LEU A 38 13.56 -31.32 -2.09
CA LEU A 38 12.15 -31.64 -1.89
C LEU A 38 11.39 -31.71 -3.21
N LEU A 39 11.72 -30.83 -4.15
CA LEU A 39 11.02 -30.76 -5.43
C LEU A 39 11.57 -31.73 -6.47
N GLY A 40 12.66 -32.44 -6.17
CA GLY A 40 13.26 -33.37 -7.13
C GLY A 40 13.86 -32.75 -8.37
N ILE A 41 14.52 -31.61 -8.22
CA ILE A 41 15.14 -30.91 -9.35
C ILE A 41 16.61 -30.64 -9.05
N PRO A 42 17.49 -31.66 -9.18
CA PRO A 42 18.91 -31.48 -8.85
C PRO A 42 19.64 -30.45 -9.69
N ASP A 43 19.13 -30.12 -10.88
CA ASP A 43 19.78 -29.14 -11.74
C ASP A 43 19.53 -27.70 -11.32
N TYR A 44 18.70 -27.44 -10.30
CA TYR A 44 18.27 -26.07 -10.02
C TYR A 44 19.46 -25.18 -9.73
N PHE A 45 20.34 -25.60 -8.81
CA PHE A 45 21.50 -24.79 -8.50
C PHE A 45 22.57 -24.82 -9.58
N ASP A 46 22.44 -25.66 -10.61
CA ASP A 46 23.33 -25.50 -11.77
C ASP A 46 22.94 -24.26 -12.56
N ILE A 47 21.65 -23.93 -12.56
CA ILE A 47 21.11 -22.84 -13.36
C ILE A 47 21.01 -21.56 -12.54
N VAL A 48 20.55 -21.66 -11.31
CA VAL A 48 20.33 -20.51 -10.45
C VAL A 48 21.49 -20.47 -9.46
N LYS A 49 22.50 -19.65 -9.73
CA LYS A 49 23.66 -19.62 -8.86
C LYS A 49 23.44 -18.79 -7.59
N ASN A 50 22.40 -17.96 -7.56
CA ASN A 50 22.16 -17.05 -6.44
C ASN A 50 20.68 -17.03 -6.12
N PRO A 51 20.19 -17.99 -5.33
CA PRO A 51 18.76 -18.06 -5.05
C PRO A 51 18.30 -16.88 -4.22
N MET A 52 17.03 -16.54 -4.39
CA MET A 52 16.43 -15.47 -3.60
C MET A 52 14.94 -15.76 -3.52
N ASP A 53 14.31 -15.37 -2.42
CA ASP A 53 12.87 -15.57 -2.24
C ASP A 53 12.37 -14.52 -1.25
N LEU A 54 11.05 -14.46 -1.08
CA LEU A 54 10.45 -13.40 -0.29
C LEU A 54 10.91 -13.46 1.16
N SER A 55 10.98 -14.66 1.73
CA SER A 55 11.35 -14.75 3.14
C SER A 55 12.78 -14.30 3.37
N THR A 56 13.67 -14.52 2.41
CA THR A 56 15.07 -14.09 2.58
C THR A 56 15.19 -12.57 2.44
N ILE A 57 14.45 -11.98 1.49
CA ILE A 57 14.40 -10.53 1.39
C ILE A 57 13.85 -9.91 2.67
N LYS A 58 12.79 -10.51 3.21
CA LYS A 58 12.21 -9.99 4.45
C LYS A 58 13.24 -10.04 5.58
N ARG A 59 13.97 -11.15 5.67
CA ARG A 59 14.97 -11.25 6.73
C ARG A 59 16.09 -10.25 6.52
N LYS A 60 16.49 -10.04 5.27
CA LYS A 60 17.55 -9.06 5.00
C LYS A 60 17.10 -7.66 5.38
N LEU A 61 15.83 -7.34 5.15
CA LEU A 61 15.32 -6.03 5.53
C LEU A 61 15.21 -5.92 7.05
N ASP A 62 14.79 -6.99 7.72
CA ASP A 62 14.69 -6.98 9.18
C ASP A 62 16.04 -6.97 9.88
N THR A 63 17.09 -7.46 9.24
CA THR A 63 18.41 -7.54 9.87
C THR A 63 19.37 -6.51 9.31
N GLY A 64 18.85 -5.49 8.64
CA GLY A 64 19.64 -4.35 8.22
C GLY A 64 20.70 -4.65 7.18
N GLN A 65 20.48 -5.66 6.34
CA GLN A 65 21.50 -6.04 5.38
C GLN A 65 21.50 -5.16 4.13
N TYR A 66 20.55 -4.25 3.99
CA TYR A 66 20.49 -3.35 2.85
C TYR A 66 20.97 -1.98 3.30
N GLN A 67 22.01 -1.47 2.64
CA GLN A 67 22.48 -0.12 2.94
C GLN A 67 21.83 0.95 2.08
N GLU A 68 21.30 0.57 0.91
CA GLU A 68 20.60 1.50 0.02
C GLU A 68 19.42 0.78 -0.61
N PRO A 69 18.35 1.51 -0.94
CA PRO A 69 17.14 0.82 -1.44
C PRO A 69 17.34 0.08 -2.76
N TRP A 70 18.31 0.48 -3.59
N TRP A 70 18.29 0.48 -3.61
CA TRP A 70 18.55 -0.23 -4.83
CA TRP A 70 18.47 -0.27 -4.85
C TRP A 70 19.01 -1.66 -4.59
C TRP A 70 19.02 -1.67 -4.59
N GLN A 71 19.66 -1.91 -3.45
CA GLN A 71 20.04 -3.27 -3.09
C GLN A 71 18.82 -4.13 -2.81
N TYR A 72 17.76 -3.55 -2.26
CA TYR A 72 16.52 -4.28 -2.06
C TYR A 72 15.86 -4.57 -3.39
N VAL A 73 15.79 -3.57 -4.25
CA VAL A 73 15.21 -3.77 -5.57
C VAL A 73 15.96 -4.85 -6.32
N ASP A 74 17.29 -4.83 -6.24
CA ASP A 74 18.12 -5.84 -6.89
C ASP A 74 17.74 -7.24 -6.44
N ASP A 75 17.51 -7.43 -5.13
CA ASP A 75 17.16 -8.76 -4.67
C ASP A 75 15.77 -9.19 -5.14
N VAL A 76 14.81 -8.26 -5.21
CA VAL A 76 13.48 -8.60 -5.73
C VAL A 76 13.58 -9.05 -7.18
N TRP A 77 14.36 -8.31 -7.97
CA TRP A 77 14.52 -8.64 -9.38
C TRP A 77 15.35 -9.90 -9.57
N LEU A 78 16.26 -10.21 -8.65
CA LEU A 78 16.97 -11.47 -8.73
C LEU A 78 16.01 -12.65 -8.53
N MET A 79 15.12 -12.54 -7.54
CA MET A 79 14.01 -13.48 -7.41
C MET A 79 13.31 -13.71 -8.74
N PHE A 80 12.87 -12.61 -9.37
CA PHE A 80 12.09 -12.71 -10.60
C PHE A 80 12.91 -13.36 -11.69
N ASN A 81 14.14 -12.87 -11.93
CA ASN A 81 14.98 -13.40 -13.01
C ASN A 81 15.31 -14.88 -12.80
N ASN A 82 15.59 -15.28 -11.55
CA ASN A 82 15.81 -16.69 -11.28
C ASN A 82 14.61 -17.52 -11.71
N ALA A 83 13.41 -17.04 -11.39
CA ALA A 83 12.21 -17.83 -11.72
C ALA A 83 11.93 -17.86 -13.22
N TRP A 84 12.06 -16.73 -13.92
CA TRP A 84 11.94 -16.76 -15.38
C TRP A 84 13.03 -17.63 -16.02
N LEU A 85 14.22 -17.63 -15.44
CA LEU A 85 15.31 -18.39 -16.05
C LEU A 85 15.04 -19.89 -15.97
N TYR A 86 14.64 -20.36 -14.80
CA TYR A 86 14.61 -21.79 -14.57
C TYR A 86 13.34 -22.44 -15.12
N ASN A 87 12.22 -21.75 -14.99
CA ASN A 87 10.91 -22.34 -15.20
C ASN A 87 10.45 -22.15 -16.65
N ARG A 88 9.64 -23.09 -17.13
CA ARG A 88 9.11 -22.99 -18.50
C ARG A 88 8.05 -21.89 -18.59
N LYS A 89 7.93 -21.28 -19.77
CA LYS A 89 7.02 -20.15 -19.90
C LYS A 89 5.55 -20.51 -19.67
N THR A 90 5.18 -21.78 -19.84
CA THR A 90 3.80 -22.24 -19.60
C THR A 90 3.53 -22.58 -18.14
N SER A 91 4.52 -22.52 -17.27
CA SER A 91 4.30 -23.02 -15.93
C SER A 91 3.65 -21.97 -15.04
N ARG A 92 2.97 -22.45 -14.00
CA ARG A 92 2.40 -21.56 -13.00
C ARG A 92 3.46 -20.63 -12.43
N VAL A 93 4.61 -21.19 -12.02
CA VAL A 93 5.63 -20.35 -11.39
C VAL A 93 6.00 -19.19 -12.31
N TYR A 94 6.17 -19.46 -13.60
CA TYR A 94 6.58 -18.42 -14.52
C TYR A 94 5.51 -17.35 -14.67
N LYS A 95 4.27 -17.77 -14.90
CA LYS A 95 3.19 -16.79 -15.03
C LYS A 95 2.94 -16.05 -13.71
N PHE A 96 3.08 -16.73 -12.58
CA PHE A 96 2.96 -16.04 -11.29
C PHE A 96 4.08 -15.01 -11.12
N CYS A 97 5.30 -15.36 -11.51
CA CYS A 97 6.42 -14.40 -11.48
C CYS A 97 6.09 -13.15 -12.28
N SER A 98 5.59 -13.32 -13.50
CA SER A 98 5.21 -12.16 -14.32
C SER A 98 4.21 -11.25 -13.61
N LYS A 99 3.24 -11.85 -12.90
CA LYS A 99 2.28 -11.05 -12.16
C LYS A 99 2.95 -10.28 -11.02
N LEU A 100 3.81 -10.95 -10.25
CA LEU A 100 4.51 -10.25 -9.17
C LEU A 100 5.32 -9.07 -9.71
N ALA A 101 5.94 -9.22 -10.88
CA ALA A 101 6.77 -8.15 -11.42
C ALA A 101 5.91 -6.93 -11.78
N GLU A 102 4.69 -7.17 -12.26
CA GLU A 102 3.77 -6.07 -12.53
C GLU A 102 3.40 -5.35 -11.25
N VAL A 103 3.03 -6.12 -10.23
CA VAL A 103 2.68 -5.55 -8.93
C VAL A 103 3.85 -4.75 -8.37
N PHE A 104 5.05 -5.36 -8.35
CA PHE A 104 6.22 -4.71 -7.74
C PHE A 104 6.54 -3.42 -8.45
N GLU A 105 6.43 -3.40 -9.78
CA GLU A 105 6.74 -2.19 -10.53
C GLU A 105 5.89 -1.01 -10.07
N GLN A 106 4.61 -1.28 -9.80
CA GLN A 106 3.69 -0.23 -9.38
C GLN A 106 3.96 0.21 -7.96
N GLU A 107 4.25 -0.74 -7.08
CA GLU A 107 4.43 -0.41 -5.67
C GLU A 107 5.73 0.32 -5.42
N ILE A 108 6.81 -0.08 -6.09
CA ILE A 108 8.13 0.42 -5.73
C ILE A 108 8.35 1.84 -6.24
N ASP A 109 7.64 2.25 -7.31
CA ASP A 109 7.95 3.52 -7.97
C ASP A 109 7.75 4.72 -7.06
N PRO A 110 6.57 4.95 -6.46
CA PRO A 110 6.44 6.14 -5.59
C PRO A 110 7.32 6.05 -4.36
N VAL A 111 7.60 4.83 -3.90
CA VAL A 111 8.46 4.65 -2.73
C VAL A 111 9.89 5.09 -3.03
N MET A 112 10.40 4.76 -4.22
CA MET A 112 11.75 5.23 -4.56
C MET A 112 11.78 6.75 -4.70
N GLN A 113 10.69 7.35 -5.18
CA GLN A 113 10.63 8.81 -5.21
C GLN A 113 10.68 9.40 -3.80
N SER A 114 9.94 8.81 -2.86
CA SER A 114 9.92 9.29 -1.48
C SER A 114 11.27 9.14 -0.80
N LEU A 115 12.08 8.15 -1.19
CA LEU A 115 13.38 7.98 -0.56
C LEU A 115 14.38 8.99 -1.09
N GLY A 116 14.46 9.15 -2.41
CA GLY A 116 15.44 10.04 -3.00
C GLY A 116 16.84 9.46 -3.01
N LYS B 2 -23.92 -9.73 0.72
CA LYS B 2 -22.97 -9.56 -0.37
C LYS B 2 -21.55 -9.50 0.22
N ILE B 3 -20.63 -10.30 -0.33
CA ILE B 3 -19.29 -10.40 0.22
C ILE B 3 -18.31 -9.86 -0.82
N PHE B 4 -17.23 -9.24 -0.34
CA PHE B 4 -16.34 -8.45 -1.18
C PHE B 4 -14.90 -8.88 -1.00
N LYS B 5 -14.18 -8.98 -2.11
CA LYS B 5 -12.76 -9.28 -1.99
C LYS B 5 -11.98 -7.99 -1.73
N PRO B 6 -10.93 -8.04 -0.91
CA PRO B 6 -10.21 -6.80 -0.56
C PRO B 6 -9.71 -6.01 -1.76
N GLU B 7 -9.11 -6.68 -2.74
CA GLU B 7 -8.58 -5.95 -3.88
CA GLU B 7 -8.58 -5.94 -3.87
C GLU B 7 -9.70 -5.38 -4.74
N GLU B 8 -10.86 -6.05 -4.80
CA GLU B 8 -11.95 -5.46 -5.56
C GLU B 8 -12.52 -4.25 -4.86
N LEU B 9 -12.55 -4.27 -3.52
CA LEU B 9 -12.92 -3.06 -2.77
C LEU B 9 -11.98 -1.92 -3.10
N ARG B 10 -10.66 -2.18 -3.07
CA ARG B 10 -9.68 -1.12 -3.35
C ARG B 10 -9.83 -0.59 -4.78
N GLN B 11 -9.94 -1.49 -5.75
CA GLN B 11 -10.15 -1.07 -7.14
C GLN B 11 -11.41 -0.24 -7.29
N ALA B 12 -12.50 -0.65 -6.64
CA ALA B 12 -13.75 0.09 -6.78
C ALA B 12 -13.68 1.44 -6.08
N LEU B 13 -13.03 1.49 -4.91
CA LEU B 13 -13.13 2.69 -4.07
C LEU B 13 -11.97 3.64 -4.20
N MET B 14 -10.77 3.20 -4.63
CA MET B 14 -9.66 4.12 -4.73
C MET B 14 -9.95 5.30 -5.65
N PRO B 15 -10.65 5.15 -6.79
CA PRO B 15 -10.97 6.34 -7.60
C PRO B 15 -11.73 7.41 -6.83
N THR B 16 -12.60 7.03 -5.91
CA THR B 16 -13.32 8.06 -5.17
C THR B 16 -12.37 8.76 -4.20
N LEU B 17 -11.39 8.04 -3.66
CA LEU B 17 -10.42 8.68 -2.79
C LEU B 17 -9.49 9.59 -3.58
N GLU B 18 -9.02 9.14 -4.75
CA GLU B 18 -8.20 10.00 -5.60
C GLU B 18 -8.96 11.26 -6.01
N ALA B 19 -10.28 11.17 -6.19
CA ALA B 19 -11.05 12.37 -6.52
C ALA B 19 -10.93 13.43 -5.44
N LEU B 20 -10.86 13.01 -4.18
CA LEU B 20 -10.70 13.98 -3.11
C LEU B 20 -9.30 14.59 -3.13
N TYR B 21 -8.27 13.75 -3.32
CA TYR B 21 -6.89 14.24 -3.38
C TYR B 21 -6.72 15.27 -4.49
N ARG B 22 -7.43 15.11 -5.62
CA ARG B 22 -7.29 16.03 -6.73
C ARG B 22 -7.84 17.43 -6.42
N GLN B 23 -8.66 17.59 -5.38
CA GLN B 23 -9.24 18.90 -5.09
C GLN B 23 -8.21 19.79 -4.42
N ASP B 24 -7.93 20.90 -5.06
CA ASP B 24 -6.85 21.78 -4.66
C ASP B 24 -7.39 23.21 -4.80
N PRO B 25 -7.41 24.00 -3.72
CA PRO B 25 -6.78 23.89 -2.39
C PRO B 25 -7.48 23.01 -1.35
N GLU B 26 -8.68 22.49 -1.65
CA GLU B 26 -9.55 21.99 -0.58
C GLU B 26 -9.04 20.72 0.12
N SER B 27 -8.31 19.86 -0.57
CA SER B 27 -7.84 18.65 0.10
C SER B 27 -6.55 18.82 0.87
N LEU B 28 -5.87 19.96 0.72
CA LEU B 28 -4.53 20.09 1.30
C LEU B 28 -4.51 19.92 2.82
N PRO B 29 -5.43 20.49 3.60
CA PRO B 29 -5.36 20.28 5.05
C PRO B 29 -5.75 18.87 5.47
N PHE B 30 -6.28 18.07 4.56
CA PHE B 30 -6.80 16.75 4.86
C PHE B 30 -5.87 15.61 4.47
N ARG B 31 -4.71 15.91 3.87
CA ARG B 31 -3.87 14.85 3.31
C ARG B 31 -2.99 14.17 4.35
N GLN B 32 -2.84 14.75 5.53
CA GLN B 32 -2.09 14.17 6.63
C GLN B 32 -2.86 14.43 7.93
N PRO B 33 -2.63 13.62 8.96
CA PRO B 33 -3.41 13.78 10.21
C PRO B 33 -3.26 15.17 10.80
N VAL B 34 -4.32 15.62 11.47
CA VAL B 34 -4.24 16.86 12.22
C VAL B 34 -3.20 16.65 13.32
N ASP B 35 -2.26 17.57 13.41
CA ASP B 35 -1.14 17.50 14.36
C ASP B 35 -1.30 18.62 15.36
N PRO B 36 -2.07 18.42 16.44
CA PRO B 36 -2.35 19.54 17.35
C PRO B 36 -1.10 20.16 17.91
N GLN B 37 0.00 19.38 18.00
CA GLN B 37 1.20 19.88 18.63
C GLN B 37 1.80 20.98 17.76
N LEU B 38 1.99 20.66 16.47
CA LEU B 38 2.52 21.62 15.50
C LEU B 38 1.59 22.80 15.30
N LEU B 39 0.29 22.55 15.31
CA LEU B 39 -0.68 23.59 15.03
C LEU B 39 -0.97 24.46 16.24
N GLY B 40 -0.58 24.04 17.43
CA GLY B 40 -0.83 24.83 18.62
C GLY B 40 -2.25 24.79 19.11
N ILE B 41 -2.95 23.67 18.94
CA ILE B 41 -4.36 23.59 19.32
C ILE B 41 -4.52 22.42 20.28
N PRO B 42 -4.04 22.55 21.53
CA PRO B 42 -4.10 21.41 22.45
C PRO B 42 -5.49 20.90 22.75
N ASP B 43 -6.54 21.68 22.48
CA ASP B 43 -7.90 21.21 22.72
C ASP B 43 -8.42 20.28 21.63
N TYR B 44 -7.61 19.99 20.60
CA TYR B 44 -8.18 19.31 19.43
C TYR B 44 -8.73 17.95 19.82
N PHE B 45 -7.94 17.16 20.57
CA PHE B 45 -8.32 15.81 20.94
C PHE B 45 -9.33 15.76 22.07
N ASP B 46 -9.59 16.89 22.74
CA ASP B 46 -10.74 16.95 23.64
C ASP B 46 -12.04 16.93 22.86
N ILE B 47 -12.03 17.49 21.66
CA ILE B 47 -13.22 17.63 20.84
C ILE B 47 -13.34 16.50 19.83
N VAL B 48 -12.23 16.16 19.17
CA VAL B 48 -12.19 15.08 18.18
C VAL B 48 -11.61 13.84 18.86
N LYS B 49 -12.48 12.88 19.16
CA LYS B 49 -12.03 11.66 19.82
C LYS B 49 -11.52 10.60 18.86
N ASN B 50 -11.91 10.67 17.59
CA ASN B 50 -11.56 9.67 16.58
C ASN B 50 -11.06 10.35 15.33
N PRO B 51 -9.79 10.75 15.29
CA PRO B 51 -9.28 11.48 14.15
C PRO B 51 -9.25 10.63 12.88
N MET B 52 -9.41 11.30 11.75
CA MET B 52 -9.32 10.59 10.48
C MET B 52 -8.83 11.57 9.43
N ASP B 53 -8.14 11.06 8.42
CA ASP B 53 -7.64 11.92 7.35
C ASP B 53 -7.43 11.06 6.12
N LEU B 54 -7.15 11.71 4.99
CA LEU B 54 -7.02 10.99 3.74
C LEU B 54 -5.88 9.96 3.76
N SER B 55 -4.75 10.30 4.39
CA SER B 55 -3.63 9.36 4.37
C SER B 55 -3.96 8.10 5.15
N THR B 56 -4.74 8.21 6.22
CA THR B 56 -5.13 7.03 6.98
C THR B 56 -6.11 6.18 6.20
N ILE B 57 -7.06 6.83 5.51
CA ILE B 57 -8.06 6.09 4.74
C ILE B 57 -7.38 5.31 3.62
N LYS B 58 -6.40 5.94 2.98
CA LYS B 58 -5.67 5.31 1.89
C LYS B 58 -4.88 4.11 2.39
N ARG B 59 -4.25 4.24 3.57
CA ARG B 59 -3.51 3.13 4.13
C ARG B 59 -4.44 1.98 4.51
N LYS B 60 -5.59 2.29 5.10
CA LYS B 60 -6.57 1.23 5.38
C LYS B 60 -7.08 0.57 4.09
N LEU B 61 -7.31 1.37 3.04
CA LEU B 61 -7.70 0.80 1.76
C LEU B 61 -6.58 -0.03 1.14
N ASP B 62 -5.34 0.46 1.23
CA ASP B 62 -4.21 -0.24 0.66
C ASP B 62 -3.96 -1.57 1.36
N THR B 63 -4.11 -1.60 2.68
CA THR B 63 -3.75 -2.76 3.48
C THR B 63 -4.94 -3.67 3.80
N GLY B 64 -6.07 -3.46 3.15
CA GLY B 64 -7.18 -4.39 3.29
C GLY B 64 -7.93 -4.34 4.61
N GLN B 65 -7.93 -3.19 5.27
CA GLN B 65 -8.61 -3.10 6.57
C GLN B 65 -10.11 -2.88 6.45
N TYR B 66 -10.61 -2.54 5.27
CA TYR B 66 -12.06 -2.41 5.07
C TYR B 66 -12.61 -3.74 4.59
N GLN B 67 -13.62 -4.23 5.32
CA GLN B 67 -14.30 -5.48 5.04
C GLN B 67 -15.42 -5.30 4.03
N GLU B 68 -15.85 -4.07 3.83
CA GLU B 68 -17.22 -3.79 3.45
C GLU B 68 -17.31 -2.29 3.13
N PRO B 69 -17.96 -1.90 2.04
CA PRO B 69 -17.80 -0.51 1.57
C PRO B 69 -18.33 0.55 2.52
N TRP B 70 -19.35 0.25 3.31
CA TRP B 70 -19.84 1.26 4.26
C TRP B 70 -18.82 1.59 5.34
N GLN B 71 -17.84 0.71 5.58
CA GLN B 71 -16.78 1.06 6.53
C GLN B 71 -15.87 2.16 5.98
N TYR B 72 -15.62 2.13 4.67
CA TYR B 72 -14.84 3.17 4.01
C TYR B 72 -15.62 4.48 3.97
N VAL B 73 -16.89 4.43 3.54
CA VAL B 73 -17.74 5.62 3.54
C VAL B 73 -17.78 6.24 4.93
N ASP B 74 -17.94 5.40 5.97
CA ASP B 74 -18.03 5.91 7.32
C ASP B 74 -16.75 6.64 7.73
N ASP B 75 -15.59 6.16 7.28
CA ASP B 75 -14.33 6.83 7.61
C ASP B 75 -14.20 8.16 6.90
N VAL B 76 -14.65 8.24 5.63
CA VAL B 76 -14.63 9.52 4.93
C VAL B 76 -15.53 10.52 5.66
N TRP B 77 -16.72 10.07 6.04
CA TRP B 77 -17.65 10.94 6.73
C TRP B 77 -17.18 11.29 8.14
N LEU B 78 -16.38 10.41 8.76
CA LEU B 78 -15.80 10.76 10.05
C LEU B 78 -14.78 11.89 9.90
N MET B 79 -13.92 11.83 8.87
CA MET B 79 -13.12 12.98 8.47
C MET B 79 -13.92 14.28 8.35
N PHE B 80 -14.99 14.25 7.55
CA PHE B 80 -15.77 15.47 7.35
C PHE B 80 -16.35 15.96 8.66
N ASN B 81 -16.98 15.06 9.43
CA ASN B 81 -17.68 15.48 10.64
C ASN B 81 -16.71 16.02 11.68
N ASN B 82 -15.52 15.41 11.79
CA ASN B 82 -14.48 15.95 12.68
C ASN B 82 -14.15 17.38 12.32
N ALA B 83 -14.05 17.66 11.02
CA ALA B 83 -13.64 18.97 10.58
C ALA B 83 -14.75 20.00 10.82
N TRP B 84 -15.99 19.66 10.45
CA TRP B 84 -17.12 20.54 10.72
C TRP B 84 -17.31 20.76 12.23
N LEU B 85 -17.01 19.76 13.07
CA LEU B 85 -17.19 19.93 14.51
C LEU B 85 -16.15 20.87 15.08
N TYR B 86 -14.90 20.74 14.66
CA TYR B 86 -13.81 21.47 15.32
C TYR B 86 -13.65 22.90 14.82
N ASN B 87 -13.85 23.12 13.53
CA ASN B 87 -13.43 24.35 12.87
C ASN B 87 -14.61 25.30 12.76
N ARG B 88 -14.33 26.61 12.83
CA ARG B 88 -15.39 27.60 12.71
C ARG B 88 -15.94 27.62 11.29
N LYS B 89 -17.22 27.99 11.18
CA LYS B 89 -17.88 27.94 9.88
C LYS B 89 -17.26 28.86 8.85
N THR B 90 -16.55 29.91 9.27
CA THR B 90 -15.88 30.78 8.31
C THR B 90 -14.48 30.31 7.94
N SER B 91 -13.94 29.28 8.59
CA SER B 91 -12.57 28.90 8.34
C SER B 91 -12.40 28.20 6.99
N ARG B 92 -11.19 28.32 6.44
CA ARG B 92 -10.84 27.57 5.23
C ARG B 92 -11.10 26.08 5.41
N VAL B 93 -10.67 25.50 6.54
CA VAL B 93 -10.80 24.04 6.66
C VAL B 93 -12.26 23.64 6.57
N TYR B 94 -13.15 24.42 7.17
CA TYR B 94 -14.59 24.10 7.14
C TYR B 94 -15.16 24.22 5.73
N LYS B 95 -14.82 25.27 5.02
CA LYS B 95 -15.37 25.45 3.69
C LYS B 95 -14.76 24.46 2.71
N PHE B 96 -13.48 24.14 2.89
CA PHE B 96 -12.85 23.08 2.10
C PHE B 96 -13.51 21.74 2.37
N CYS B 97 -13.83 21.48 3.65
CA CYS B 97 -14.56 20.25 3.99
C CYS B 97 -15.86 20.17 3.20
N SER B 98 -16.65 21.24 3.23
CA SER B 98 -17.93 21.24 2.53
C SER B 98 -17.74 20.89 1.06
N LYS B 99 -16.67 21.41 0.46
CA LYS B 99 -16.42 21.11 -0.95
C LYS B 99 -16.07 19.64 -1.13
N LEU B 100 -15.21 19.08 -0.24
CA LEU B 100 -14.88 17.68 -0.32
C LEU B 100 -16.12 16.81 -0.20
N ALA B 101 -17.07 17.22 0.64
CA ALA B 101 -18.28 16.42 0.81
C ALA B 101 -19.13 16.43 -0.45
N GLU B 102 -19.13 17.55 -1.17
CA GLU B 102 -19.84 17.63 -2.45
C GLU B 102 -19.21 16.67 -3.46
N VAL B 103 -17.88 16.73 -3.59
CA VAL B 103 -17.18 15.87 -4.54
C VAL B 103 -17.38 14.41 -4.19
N PHE B 104 -17.26 14.07 -2.90
CA PHE B 104 -17.35 12.67 -2.51
C PHE B 104 -18.74 12.12 -2.79
N GLU B 105 -19.79 12.89 -2.48
CA GLU B 105 -21.17 12.47 -2.75
C GLU B 105 -21.33 12.08 -4.22
N GLN B 106 -20.81 12.90 -5.11
CA GLN B 106 -21.02 12.65 -6.54
C GLN B 106 -20.25 11.41 -6.97
N GLU B 107 -19.06 11.18 -6.39
CA GLU B 107 -18.20 10.09 -6.80
C GLU B 107 -18.62 8.75 -6.20
N ILE B 108 -19.10 8.75 -4.94
CA ILE B 108 -19.29 7.49 -4.23
C ILE B 108 -20.58 6.79 -4.66
N ASP B 109 -21.59 7.54 -5.08
CA ASP B 109 -22.88 6.92 -5.36
C ASP B 109 -22.83 5.92 -6.51
N PRO B 110 -22.30 6.24 -7.68
CA PRO B 110 -22.26 5.22 -8.74
C PRO B 110 -21.37 4.04 -8.38
N VAL B 111 -20.34 4.25 -7.56
CA VAL B 111 -19.57 3.10 -7.10
C VAL B 111 -20.39 2.22 -6.16
N MET B 112 -21.14 2.83 -5.24
CA MET B 112 -22.00 2.02 -4.38
C MET B 112 -23.09 1.28 -5.16
N GLN B 113 -23.59 1.88 -6.23
CA GLN B 113 -24.54 1.16 -7.07
C GLN B 113 -23.90 -0.09 -7.67
N SER B 114 -22.66 0.04 -8.13
CA SER B 114 -21.99 -1.10 -8.77
C SER B 114 -21.65 -2.18 -7.76
N LEU B 115 -21.38 -1.82 -6.50
CA LEU B 115 -21.08 -2.79 -5.47
C LEU B 115 -22.37 -3.27 -4.81
N GLY B 116 -22.29 -3.75 -3.58
CA GLY B 116 -23.47 -4.09 -2.82
C GLY B 116 -23.36 -3.71 -1.36
C1 EDO C . 5.14 -10.68 6.75
O1 EDO C . 5.21 -12.07 6.39
C2 EDO C . 5.79 -9.81 5.68
O2 EDO C . 5.31 -8.46 5.80
C10 WU1 D . 3.78 -27.56 -7.27
C13 WU1 D . 2.63 -23.99 -7.68
C15 WU1 D . 1.63 -23.86 -6.74
C17 WU1 D . -0.29 -22.63 -6.03
C20 WU1 D . 6.33 -25.76 -5.21
C22 WU1 D . 4.72 -25.16 -3.25
C24 WU1 D . 3.01 -23.38 -3.32
C26 WU1 D . 3.69 -24.37 -1.08
C01 WU1 D . 11.25 -24.68 -9.34
C02 WU1 D . 11.02 -23.21 -8.96
C03 WU1 D . 10.09 -22.70 -8.06
C04 WU1 D . 9.08 -23.48 -7.22
C05 WU1 D . 8.34 -24.49 -7.82
C06 WU1 D . 7.41 -25.22 -7.03
C08 WU1 D . 5.89 -26.58 -6.23
C09 WU1 D . 4.82 -27.69 -6.15
C11 WU1 D . 3.01 -26.26 -7.08
C12 WU1 D . 3.33 -25.16 -7.86
C18 WU1 D . 1.31 -24.97 -5.97
C19 WU1 D . 1.99 -26.16 -6.14
C23 WU1 D . 4.33 -23.87 -3.92
C25 WU1 D . 3.05 -23.21 -1.81
C27 WU1 D . 4.97 -24.87 -1.76
C29 WU1 D . 7.99 -23.94 -5.11
C30 WU1 D . 8.91 -23.22 -5.86
C31 WU1 D . 10.28 -21.30 -8.04
C32 WU1 D . 9.50 -20.27 -7.21
N07 WU1 D . 6.53 -26.25 -7.33
N21 WU1 D . 5.95 -25.72 -3.81
N28 WU1 D . 7.26 -24.93 -5.74
N33 WU1 D . 11.27 -21.02 -8.90
O16 WU1 D . 0.98 -22.61 -6.60
O34 WU1 D . 11.70 -22.20 -9.44
CL14 WU1 D . 3.05 -22.57 -8.66
C1 EDO E . -12.99 27.34 -6.76
O1 EDO E . -14.07 26.50 -7.21
C2 EDO E . -12.40 26.71 -5.50
O2 EDO E . -11.91 25.40 -5.80
C1 EDO F . -18.58 23.99 -3.92
O1 EDO F . -19.42 24.16 -5.08
C2 EDO F . -19.35 24.24 -2.62
O2 EDO F . -18.59 23.72 -1.52
C10 WU1 G . -2.75 26.81 8.05
C13 WU1 G . -5.17 25.75 5.33
C15 WU1 G . -4.37 25.83 4.21
C17 WU1 G . -3.97 25.36 1.91
C20 WU1 G . -2.72 23.14 8.54
C22 WU1 G . -1.59 22.07 6.55
C24 WU1 G . -0.12 21.25 4.64
C26 WU1 G . -2.25 22.53 4.16
C01 WU1 G . -7.42 22.10 12.87
C02 WU1 G . -7.99 21.14 11.82
C03 WU1 G . -7.46 20.83 10.59
C04 WU1 G . -6.15 21.39 10.00
C05 WU1 G . -5.87 22.75 10.10
C06 WU1 G . -4.65 23.24 9.57
C08 WU1 G . -2.95 24.44 8.90
C09 WU1 G . -2.00 25.61 8.63
C11 WU1 G . -3.33 26.46 6.70
C12 WU1 G . -4.65 26.06 6.59
C18 WU1 G . -3.05 26.23 4.34
C19 WU1 G . -2.54 26.55 5.57
C23 WU1 G . -0.18 21.67 6.11
C25 WU1 G . -0.85 22.19 3.69
C27 WU1 G . -2.23 23.07 5.59
C29 WU1 G . -4.05 21.05 8.88
C30 WU1 G . -5.23 20.55 9.39
C31 WU1 G . -8.33 19.91 9.97
C32 WU1 G . -8.23 19.24 8.61
N07 WU1 G . -4.11 24.52 9.52
N21 WU1 G . -1.52 22.68 7.87
N28 WU1 G . -3.79 22.41 8.97
N33 WU1 G . -9.33 19.68 10.84
O16 WU1 G . -4.91 25.51 2.94
O34 WU1 G . -9.10 20.45 11.94
CL14 WU1 G . -6.87 25.24 5.18
#